data_1QXM
#
_entry.id   1QXM
#
_cell.length_a   138.173
_cell.length_b   62.332
_cell.length_c   82.321
_cell.angle_alpha   90.00
_cell.angle_beta   104.53
_cell.angle_gamma   90.00
#
_symmetry.space_group_name_H-M   'C 1 2 1'
#
loop_
_entity.id
_entity.type
_entity.pdbx_description
1 polymer HA1
2 non-polymer 1,2-ETHANEDIOL
3 water water
#
_entity_poly.entity_id   1
_entity_poly.type   'polypeptide(L)'
_entity_poly.pdbx_seq_one_letter_code
;GSHHHHHHHHHHRSMSQTNANDLRNNEVFFISPSNNTNKVLDKISQSEVKLWNKLSGANQKWRLIYDTNKQAYKIKVMDN
TSLILTWNAPLSSVSVKTDTNGDNQYWYLLQNYISRNVIIRNYMNPNLVLQYNIDDTLMVSTQTSSSNQFFKFSNCIYEA
LNNRNCKLQTQLNSDRFLSKNLNSQIIVLWQWFDSSRQKWIIEYNETKSAYTLKCQENNRYLTWIQNSNNYVETYQSTDS
LIQYWNINYLDNDASKYILYNLQDTNRVLDVYNSQIANGTHVIVDSYHGNTNQQWIINLI
;
_entity_poly.pdbx_strand_id   A,B
#
loop_
_chem_comp.id
_chem_comp.type
_chem_comp.name
_chem_comp.formula
EDO non-polymer 1,2-ETHANEDIOL 'C2 H6 O2'
#
# COMPACT_ATOMS: atom_id res chain seq x y z
N THR A 18 8.02 1.12 3.48
CA THR A 18 7.16 0.28 4.36
C THR A 18 5.70 0.71 4.22
N ASN A 19 4.78 -0.23 4.43
CA ASN A 19 3.37 0.10 4.36
C ASN A 19 2.83 0.23 5.78
N ALA A 20 3.74 0.23 6.76
CA ALA A 20 3.35 0.33 8.16
C ALA A 20 2.67 1.66 8.50
N ASN A 21 2.91 2.68 7.69
CA ASN A 21 2.32 3.99 7.95
C ASN A 21 1.08 4.28 7.12
N ASP A 22 0.54 3.28 6.45
CA ASP A 22 -0.67 3.46 5.63
C ASP A 22 -1.82 3.95 6.51
N LEU A 23 -2.72 4.73 5.93
CA LEU A 23 -3.84 5.31 6.65
C LEU A 23 -4.97 4.35 6.98
N ARG A 24 -4.61 3.28 7.69
CA ARG A 24 -5.56 2.25 8.09
C ARG A 24 -6.51 2.71 9.19
N ASN A 25 -7.72 2.18 9.14
CA ASN A 25 -8.70 2.50 10.17
C ASN A 25 -8.18 1.92 11.48
N ASN A 26 -8.47 2.60 12.57
CA ASN A 26 -8.10 2.15 13.91
C ASN A 26 -6.62 2.11 14.25
N GLU A 27 -5.80 2.83 13.49
CA GLU A 27 -4.38 2.89 13.81
C GLU A 27 -4.10 4.26 14.41
N VAL A 28 -3.04 4.35 15.20
CA VAL A 28 -2.66 5.58 15.89
C VAL A 28 -1.41 6.18 15.27
N PHE A 29 -1.45 7.49 15.02
CA PHE A 29 -0.34 8.16 14.35
C PHE A 29 0.15 9.45 14.95
N PHE A 30 1.34 9.83 14.49
CA PHE A 30 1.95 11.12 14.81
C PHE A 30 1.64 11.82 13.49
N ILE A 31 1.14 13.04 13.55
CA ILE A 31 0.83 13.78 12.33
C ILE A 31 1.78 14.96 12.31
N SER A 32 2.64 15.00 11.30
CA SER A 32 3.62 16.07 11.23
C SER A 32 3.59 16.88 9.95
N PRO A 33 4.07 18.14 10.02
CA PRO A 33 4.10 18.97 8.83
C PRO A 33 5.10 18.33 7.88
N SER A 34 4.86 18.44 6.58
CA SER A 34 5.76 17.83 5.61
C SER A 34 7.17 18.41 5.66
N ASN A 35 7.29 19.65 6.16
CA ASN A 35 8.58 20.32 6.21
C ASN A 35 9.39 20.11 7.49
N ASN A 36 8.86 19.32 8.42
CA ASN A 36 9.58 19.07 9.67
C ASN A 36 9.10 17.81 10.36
N THR A 37 9.86 16.73 10.21
CA THR A 37 9.48 15.46 10.80
C THR A 37 9.69 15.45 12.32
N ASN A 38 10.28 16.53 12.85
CA ASN A 38 10.53 16.63 14.28
C ASN A 38 9.43 17.35 15.05
N LYS A 39 8.40 17.80 14.33
CA LYS A 39 7.26 18.47 14.95
C LYS A 39 6.03 17.63 14.68
N VAL A 40 5.07 17.68 15.59
CA VAL A 40 3.85 16.90 15.44
C VAL A 40 2.61 17.64 15.94
N LEU A 41 1.45 17.21 15.45
CA LEU A 41 0.17 17.78 15.86
C LEU A 41 0.08 17.49 17.35
N ASP A 42 -0.12 18.54 18.14
CA ASP A 42 -0.13 18.40 19.60
C ASP A 42 -1.34 19.04 20.29
N LYS A 43 -2.02 18.27 21.15
CA LYS A 43 -3.15 18.82 21.91
C LYS A 43 -2.52 19.46 23.14
N ILE A 44 -2.43 20.79 23.15
CA ILE A 44 -1.79 21.46 24.29
C ILE A 44 -2.74 21.77 25.45
N SER A 45 -4.04 21.83 25.18
CA SER A 45 -5.01 22.09 26.23
C SER A 45 -6.31 21.35 25.92
N GLN A 46 -7.36 21.65 26.67
CA GLN A 46 -8.63 20.99 26.44
C GLN A 46 -9.32 21.45 25.17
N SER A 47 -8.73 22.43 24.49
CA SER A 47 -9.34 22.93 23.26
C SER A 47 -8.36 23.26 22.14
N GLU A 48 -7.12 23.59 22.49
CA GLU A 48 -6.15 23.99 21.49
C GLU A 48 -5.18 22.92 20.98
N VAL A 49 -4.90 23.00 19.68
CA VAL A 49 -3.96 22.11 19.04
C VAL A 49 -2.92 23.01 18.42
N LYS A 50 -1.70 22.50 18.25
CA LYS A 50 -0.61 23.29 17.73
C LYS A 50 0.51 22.33 17.36
N LEU A 51 1.40 22.74 16.47
CA LEU A 51 2.53 21.88 16.11
C LEU A 51 3.55 22.07 17.23
N TRP A 52 4.13 20.98 17.70
CA TRP A 52 5.08 21.04 18.79
C TRP A 52 6.22 20.04 18.62
N ASN A 53 7.33 20.28 19.28
CA ASN A 53 8.48 19.37 19.20
C ASN A 53 7.98 17.98 19.59
N LYS A 54 8.42 16.96 18.85
CA LYS A 54 8.00 15.60 19.12
C LYS A 54 8.53 15.10 20.47
N LEU A 55 7.63 14.58 21.29
CA LEU A 55 7.95 14.06 22.62
C LEU A 55 7.39 12.67 22.79
N SER A 56 6.55 12.26 21.83
CA SER A 56 5.91 10.96 21.86
C SER A 56 4.95 10.82 23.05
N GLY A 57 4.35 11.94 23.44
CA GLY A 57 3.40 11.92 24.53
C GLY A 57 2.04 11.51 23.99
N ALA A 58 1.14 11.04 24.85
CA ALA A 58 -0.18 10.61 24.42
C ALA A 58 -0.99 11.72 23.77
N ASN A 59 -0.69 12.96 24.13
CA ASN A 59 -1.41 14.11 23.57
C ASN A 59 -0.90 14.45 22.17
N GLN A 60 0.07 13.68 21.69
CA GLN A 60 0.61 13.87 20.34
C GLN A 60 0.28 12.66 19.47
N LYS A 61 -0.57 11.78 19.99
CA LYS A 61 -0.96 10.57 19.26
C LYS A 61 -2.43 10.64 18.89
N TRP A 62 -2.74 10.26 17.66
CA TRP A 62 -4.10 10.33 17.16
C TRP A 62 -4.60 9.05 16.50
N ARG A 63 -5.75 8.56 16.95
CA ARG A 63 -6.33 7.35 16.36
C ARG A 63 -7.28 7.76 15.25
N LEU A 64 -7.23 7.02 14.15
CA LEU A 64 -8.11 7.30 13.02
C LEU A 64 -9.33 6.39 13.15
N ILE A 65 -10.52 6.98 13.02
CA ILE A 65 -11.75 6.20 13.07
C ILE A 65 -12.50 6.54 11.78
N TYR A 66 -12.49 5.57 10.86
CA TYR A 66 -13.12 5.75 9.55
C TYR A 66 -14.62 5.59 9.55
N ASP A 67 -15.29 6.46 8.81
CA ASP A 67 -16.75 6.43 8.65
C ASP A 67 -16.95 6.06 7.19
N THR A 68 -17.30 4.80 6.93
CA THR A 68 -17.47 4.31 5.57
C THR A 68 -18.56 5.02 4.78
N ASN A 69 -19.66 5.36 5.45
CA ASN A 69 -20.75 6.05 4.78
C ASN A 69 -20.29 7.39 4.20
N LYS A 70 -19.47 8.11 4.97
CA LYS A 70 -18.97 9.42 4.55
C LYS A 70 -17.65 9.35 3.80
N GLN A 71 -16.98 8.20 3.90
CA GLN A 71 -15.67 8.01 3.27
C GLN A 71 -14.73 9.07 3.83
N ALA A 72 -14.90 9.34 5.12
CA ALA A 72 -14.11 10.33 5.84
C ALA A 72 -13.75 9.82 7.23
N TYR A 73 -12.78 10.46 7.87
CA TYR A 73 -12.32 10.03 9.20
C TYR A 73 -12.50 11.03 10.32
N LYS A 74 -12.53 10.50 11.53
CA LYS A 74 -12.53 11.31 12.74
C LYS A 74 -11.08 11.09 13.19
N ILE A 75 -10.50 12.11 13.80
CA ILE A 75 -9.11 12.05 14.28
C ILE A 75 -9.18 12.31 15.78
N LYS A 76 -9.03 11.24 16.56
CA LYS A 76 -9.14 11.31 18.03
C LYS A 76 -7.82 11.32 18.80
N VAL A 77 -7.65 12.30 19.68
CA VAL A 77 -6.43 12.36 20.47
C VAL A 77 -6.46 11.16 21.42
N MET A 78 -5.28 10.66 21.77
CA MET A 78 -5.15 9.48 22.64
C MET A 78 -4.67 9.75 24.07
N ASP A 79 -4.98 10.92 24.62
CA ASP A 79 -4.55 11.22 25.99
C ASP A 79 -5.61 10.88 27.04
N ASN A 80 -6.67 10.19 26.58
N ASN A 80 -6.67 10.21 26.58
CA ASN A 80 -7.78 9.76 27.42
CA ASN A 80 -7.81 9.76 27.41
C ASN A 80 -9.00 10.69 27.40
C ASN A 80 -9.01 10.69 27.38
N THR A 81 -8.85 11.88 26.81
CA THR A 81 -9.96 12.84 26.78
C THR A 81 -10.99 12.56 25.68
N SER A 82 -10.59 11.74 24.70
CA SER A 82 -11.46 11.36 23.59
C SER A 82 -11.91 12.51 22.69
N LEU A 83 -11.25 13.66 22.78
CA LEU A 83 -11.64 14.80 21.94
C LEU A 83 -11.14 14.57 20.51
N ILE A 84 -11.85 15.13 19.53
CA ILE A 84 -11.44 14.95 18.14
C ILE A 84 -11.18 16.27 17.41
N LEU A 85 -10.31 16.22 16.41
CA LEU A 85 -9.94 17.39 15.63
C LEU A 85 -11.20 17.98 14.99
N THR A 86 -11.43 19.26 15.25
CA THR A 86 -12.63 19.94 14.77
C THR A 86 -12.38 21.28 14.10
N TRP A 87 -13.10 21.55 13.00
CA TRP A 87 -12.99 22.84 12.32
C TRP A 87 -14.06 23.71 12.97
N ASN A 88 -13.65 24.85 13.50
CA ASN A 88 -14.55 25.78 14.18
C ASN A 88 -15.38 26.63 13.21
N ALA A 89 -16.12 25.99 12.32
CA ALA A 89 -16.95 26.72 11.36
C ALA A 89 -17.81 27.74 12.12
N PRO A 90 -18.01 28.94 11.55
CA PRO A 90 -17.52 29.45 10.26
C PRO A 90 -16.15 30.10 10.32
N LEU A 91 -15.49 30.03 11.48
CA LEU A 91 -14.16 30.61 11.62
C LEU A 91 -13.12 29.80 10.88
N SER A 92 -11.87 30.25 10.88
CA SER A 92 -10.79 29.55 10.19
C SER A 92 -9.95 28.73 11.15
N SER A 93 -10.29 28.79 12.43
CA SER A 93 -9.54 28.07 13.45
C SER A 93 -9.98 26.62 13.62
N VAL A 94 -9.09 25.83 14.22
CA VAL A 94 -9.38 24.43 14.50
C VAL A 94 -9.12 24.19 15.97
N SER A 95 -9.64 23.09 16.48
CA SER A 95 -9.46 22.77 17.89
C SER A 95 -9.77 21.31 18.09
N VAL A 96 -9.72 20.88 19.35
CA VAL A 96 -10.10 19.53 19.70
C VAL A 96 -11.37 19.80 20.50
N LYS A 97 -12.42 19.06 20.19
CA LYS A 97 -13.69 19.24 20.87
C LYS A 97 -14.38 17.90 21.09
N THR A 98 -15.37 17.91 21.97
CA THR A 98 -16.14 16.72 22.26
C THR A 98 -16.77 16.27 20.93
N ASP A 99 -16.88 14.96 20.76
CA ASP A 99 -17.46 14.38 19.55
C ASP A 99 -18.98 14.51 19.58
N THR A 100 -19.52 15.33 18.68
CA THR A 100 -20.96 15.52 18.57
C THR A 100 -21.41 15.09 17.18
N ASN A 101 -20.51 14.38 16.47
CA ASN A 101 -20.79 13.90 15.12
C ASN A 101 -21.07 15.01 14.11
N GLY A 102 -20.46 16.17 14.33
CA GLY A 102 -20.66 17.27 13.40
C GLY A 102 -19.92 17.04 12.10
N ASP A 103 -20.48 17.49 10.98
CA ASP A 103 -19.82 17.32 9.70
C ASP A 103 -18.44 17.98 9.72
N ASN A 104 -18.31 19.02 10.53
CA ASN A 104 -17.06 19.75 10.65
C ASN A 104 -16.01 18.96 11.44
N GLN A 105 -16.42 17.81 11.96
CA GLN A 105 -15.51 16.97 12.74
C GLN A 105 -15.00 15.76 11.95
N TYR A 106 -15.36 15.71 10.67
CA TYR A 106 -14.91 14.64 9.79
C TYR A 106 -13.93 15.23 8.80
N TRP A 107 -12.96 14.42 8.39
CA TRP A 107 -11.93 14.87 7.47
C TRP A 107 -11.60 13.83 6.42
N TYR A 108 -11.40 14.29 5.19
CA TYR A 108 -10.98 13.39 4.13
C TYR A 108 -9.48 13.34 4.30
N LEU A 109 -8.91 12.14 4.24
CA LEU A 109 -7.48 11.99 4.34
C LEU A 109 -7.09 11.35 3.02
N LEU A 110 -6.59 12.17 2.10
CA LEU A 110 -6.20 11.70 0.78
C LEU A 110 -4.69 11.83 0.69
N GLN A 111 -4.05 10.75 0.25
CA GLN A 111 -2.61 10.72 0.18
C GLN A 111 -1.99 10.56 -1.21
N ASN A 112 -0.81 11.15 -1.36
CA ASN A 112 -0.03 11.07 -2.59
C ASN A 112 0.82 9.82 -2.37
N TYR A 113 0.57 8.78 -3.15
CA TYR A 113 1.27 7.52 -2.99
C TYR A 113 2.79 7.60 -3.00
N ILE A 114 3.32 8.46 -3.84
CA ILE A 114 4.77 8.60 -3.97
C ILE A 114 5.43 9.51 -2.93
N SER A 115 4.89 10.72 -2.76
CA SER A 115 5.46 11.65 -1.78
C SER A 115 5.11 11.27 -0.35
N ARG A 116 4.01 10.52 -0.21
CA ARG A 116 3.50 10.07 1.08
C ARG A 116 2.78 11.20 1.81
N ASN A 117 2.71 12.37 1.18
CA ASN A 117 2.05 13.50 1.81
C ASN A 117 0.53 13.32 1.81
N VAL A 118 -0.09 13.77 2.89
CA VAL A 118 -1.52 13.66 3.07
C VAL A 118 -2.17 15.04 3.19
N ILE A 119 -3.29 15.24 2.51
CA ILE A 119 -4.02 16.49 2.63
C ILE A 119 -5.20 16.18 3.55
N ILE A 120 -5.34 16.98 4.60
CA ILE A 120 -6.42 16.80 5.58
C ILE A 120 -7.51 17.81 5.22
N ARG A 121 -8.50 17.32 4.48
CA ARG A 121 -9.59 18.14 3.96
C ARG A 121 -10.88 18.00 4.77
N ASN A 122 -11.49 19.13 5.13
CA ASN A 122 -12.70 19.06 5.94
C ASN A 122 -13.90 18.53 5.17
N TYR A 123 -14.67 17.69 5.84
CA TYR A 123 -15.86 17.08 5.25
C TYR A 123 -16.99 18.08 5.03
N MET A 124 -17.25 18.92 6.03
CA MET A 124 -18.32 19.91 5.92
C MET A 124 -18.08 20.83 4.73
N ASN A 125 -16.83 21.25 4.53
CA ASN A 125 -16.49 22.11 3.40
C ASN A 125 -15.18 21.64 2.80
N PRO A 126 -15.25 20.72 1.82
CA PRO A 126 -14.08 20.15 1.14
C PRO A 126 -13.20 21.16 0.39
N ASN A 127 -13.59 22.43 0.42
CA ASN A 127 -12.77 23.46 -0.23
C ASN A 127 -11.71 23.92 0.75
N LEU A 128 -11.87 23.54 2.01
CA LEU A 128 -10.94 23.92 3.07
C LEU A 128 -10.10 22.74 3.52
N VAL A 129 -8.81 22.97 3.68
CA VAL A 129 -7.88 21.94 4.13
C VAL A 129 -7.08 22.45 5.32
N LEU A 130 -6.56 21.53 6.11
CA LEU A 130 -5.77 21.91 7.28
C LEU A 130 -4.46 22.51 6.81
N GLN A 131 -3.99 23.54 7.50
CA GLN A 131 -2.75 24.20 7.13
C GLN A 131 -1.96 24.55 8.39
N TYR A 132 -0.64 24.43 8.31
CA TYR A 132 0.22 24.79 9.43
C TYR A 132 1.00 26.03 9.03
N ASN A 133 1.16 26.95 9.98
CA ASN A 133 1.88 28.20 9.72
C ASN A 133 3.28 28.20 10.30
N ILE A 134 4.07 29.18 9.90
CA ILE A 134 5.43 29.31 10.38
C ILE A 134 5.52 29.37 11.89
N ASP A 135 4.52 29.98 12.53
CA ASP A 135 4.50 30.10 13.98
C ASP A 135 3.96 28.86 14.67
N ASP A 136 3.89 27.75 13.92
CA ASP A 136 3.41 26.47 14.43
C ASP A 136 1.91 26.38 14.73
N THR A 137 1.15 27.40 14.35
CA THR A 137 -0.28 27.36 14.59
C THR A 137 -0.95 26.63 13.43
N LEU A 138 -2.19 26.21 13.63
CA LEU A 138 -2.94 25.50 12.63
C LEU A 138 -4.26 26.20 12.32
N MET A 139 -4.77 25.98 11.12
CA MET A 139 -6.04 26.57 10.70
C MET A 139 -6.50 25.87 9.43
N VAL A 140 -7.67 26.24 8.94
CA VAL A 140 -8.17 25.67 7.70
C VAL A 140 -8.08 26.79 6.66
N SER A 141 -7.88 26.42 5.40
CA SER A 141 -7.74 27.42 4.34
C SER A 141 -7.99 26.82 2.98
N THR A 142 -8.23 27.67 1.98
CA THR A 142 -8.44 27.18 0.62
C THR A 142 -7.11 26.62 0.14
N GLN A 143 -7.18 25.68 -0.80
CA GLN A 143 -5.98 25.02 -1.31
C GLN A 143 -5.08 25.84 -2.21
N THR A 144 -3.78 25.61 -2.07
CA THR A 144 -2.76 26.28 -2.86
C THR A 144 -1.84 25.18 -3.39
N SER A 145 -0.57 25.50 -3.55
CA SER A 145 0.40 24.51 -4.03
C SER A 145 1.52 24.46 -2.99
N SER A 146 1.25 25.09 -1.85
CA SER A 146 2.23 25.14 -0.78
C SER A 146 2.25 23.87 0.06
N SER A 147 3.44 23.48 0.48
CA SER A 147 3.62 22.30 1.30
C SER A 147 3.10 22.54 2.71
N ASN A 148 2.63 23.76 3.00
CA ASN A 148 2.12 24.04 4.34
C ASN A 148 0.74 23.43 4.52
N GLN A 149 0.30 22.67 3.51
CA GLN A 149 -0.99 21.99 3.58
C GLN A 149 -0.75 20.50 3.40
N PHE A 150 0.52 20.09 3.47
CA PHE A 150 0.90 18.68 3.33
C PHE A 150 1.38 18.14 4.67
N PHE A 151 0.85 16.98 5.05
CA PHE A 151 1.24 16.36 6.31
C PHE A 151 1.71 14.94 6.08
N LYS A 152 2.52 14.45 7.01
CA LYS A 152 2.99 13.07 6.95
C LYS A 152 2.49 12.35 8.18
N PHE A 153 2.09 11.10 7.97
CA PHE A 153 1.55 10.27 9.05
C PHE A 153 2.52 9.15 9.37
N SER A 154 2.84 9.01 10.66
CA SER A 154 3.75 7.98 11.11
C SER A 154 3.07 7.13 12.19
N ASN A 155 2.96 5.84 11.93
CA ASN A 155 2.33 4.92 12.87
C ASN A 155 3.20 4.86 14.14
N CYS A 156 2.59 5.22 15.28
CA CYS A 156 3.30 5.27 16.56
C CYS A 156 3.94 3.96 17.02
N ILE A 157 3.18 2.88 16.96
CA ILE A 157 3.68 1.58 17.40
C ILE A 157 4.82 1.06 16.54
N TYR A 158 4.73 1.28 15.22
CA TYR A 158 5.80 0.84 14.33
C TYR A 158 7.08 1.58 14.68
N GLU A 159 6.96 2.88 14.92
CA GLU A 159 8.12 3.69 15.25
C GLU A 159 8.76 3.22 16.57
N ALA A 160 7.93 2.90 17.56
CA ALA A 160 8.43 2.50 18.86
C ALA A 160 8.86 1.06 19.03
N LEU A 161 8.13 0.13 18.41
CA LEU A 161 8.43 -1.29 18.60
C LEU A 161 9.10 -2.09 17.50
N ASN A 162 9.10 -1.62 16.26
CA ASN A 162 9.70 -2.43 15.22
C ASN A 162 11.17 -2.75 15.43
N ASN A 163 11.49 -4.03 15.30
CA ASN A 163 12.86 -4.54 15.47
C ASN A 163 13.39 -4.35 16.88
N ARG A 164 12.50 -4.23 17.85
CA ARG A 164 12.92 -4.06 19.24
C ARG A 164 12.72 -5.33 20.06
N ASN A 165 13.67 -5.58 20.96
CA ASN A 165 13.60 -6.74 21.86
C ASN A 165 12.78 -6.22 23.05
N CYS A 166 11.64 -6.87 23.32
CA CYS A 166 10.75 -6.42 24.38
C CYS A 166 10.26 -7.49 25.33
N LYS A 167 9.64 -7.05 26.41
CA LYS A 167 9.03 -7.94 27.38
C LYS A 167 7.57 -7.50 27.42
N LEU A 168 6.68 -8.46 27.64
CA LEU A 168 5.25 -8.16 27.68
C LEU A 168 4.66 -8.60 29.00
N GLN A 169 4.15 -7.64 29.75
CA GLN A 169 3.57 -7.86 31.06
C GLN A 169 2.05 -7.83 31.01
N THR A 170 1.39 -8.76 31.70
CA THR A 170 -0.08 -8.74 31.71
C THR A 170 -0.52 -7.65 32.70
N GLN A 171 -1.55 -6.91 32.33
CA GLN A 171 -2.09 -5.85 33.18
C GLN A 171 -2.61 -6.45 34.49
N LEU A 172 -2.84 -7.76 34.49
CA LEU A 172 -3.35 -8.45 35.68
C LEU A 172 -2.40 -8.39 36.87
N ASN A 173 -1.09 -8.39 36.60
CA ASN A 173 -0.10 -8.37 37.67
C ASN A 173 1.20 -7.75 37.19
N SER A 174 1.73 -6.81 37.98
CA SER A 174 2.96 -6.10 37.63
C SER A 174 4.18 -6.98 37.40
N ASP A 175 4.17 -8.20 37.95
CA ASP A 175 5.32 -9.08 37.76
C ASP A 175 4.95 -10.45 37.18
N ARG A 176 4.20 -10.43 36.08
CA ARG A 176 3.83 -11.64 35.36
C ARG A 176 3.99 -11.32 33.88
N PHE A 177 4.91 -12.01 33.23
CA PHE A 177 5.23 -11.76 31.82
C PHE A 177 5.00 -12.93 30.87
N LEU A 178 4.83 -12.58 29.59
CA LEU A 178 4.64 -13.56 28.53
C LEU A 178 5.94 -14.36 28.47
N SER A 179 5.87 -15.66 28.76
CA SER A 179 7.07 -16.48 28.78
C SER A 179 6.91 -17.86 28.15
N LYS A 180 7.93 -18.31 27.45
CA LYS A 180 7.90 -19.65 26.88
C LYS A 180 8.16 -20.52 28.09
N ASN A 181 7.43 -21.63 28.23
CA ASN A 181 7.62 -22.50 29.38
C ASN A 181 8.89 -23.34 29.19
N LEU A 182 9.42 -23.88 30.28
CA LEU A 182 10.62 -24.71 30.22
C LEU A 182 10.33 -26.04 29.55
N ASN A 183 11.24 -26.49 28.70
CA ASN A 183 11.09 -27.78 28.02
C ASN A 183 9.69 -27.98 27.44
N SER A 184 9.19 -26.95 26.77
CA SER A 184 7.86 -26.98 26.17
C SER A 184 7.71 -25.80 25.22
N GLN A 185 6.76 -25.87 24.30
CA GLN A 185 6.52 -24.78 23.35
C GLN A 185 5.38 -23.90 23.86
N ILE A 186 4.69 -24.38 24.89
CA ILE A 186 3.57 -23.67 25.47
C ILE A 186 4.00 -22.33 26.06
N ILE A 187 3.23 -21.29 25.76
CA ILE A 187 3.53 -19.96 26.28
C ILE A 187 2.62 -19.68 27.47
N VAL A 188 3.22 -19.23 28.57
CA VAL A 188 2.48 -18.98 29.80
C VAL A 188 2.94 -17.70 30.50
N LEU A 189 2.33 -17.41 31.63
CA LEU A 189 2.70 -16.25 32.43
C LEU A 189 3.78 -16.69 33.40
N TRP A 190 4.73 -15.81 33.68
CA TRP A 190 5.79 -16.12 34.64
C TRP A 190 6.43 -14.85 35.17
N GLN A 191 6.81 -14.88 36.44
CA GLN A 191 7.45 -13.72 37.04
C GLN A 191 8.74 -13.43 36.30
N TRP A 192 9.22 -12.20 36.39
CA TRP A 192 10.43 -11.81 35.69
C TRP A 192 11.69 -12.37 36.33
N PHE A 193 12.55 -12.93 35.49
CA PHE A 193 13.84 -13.44 35.96
C PHE A 193 14.88 -13.25 34.87
N ASP A 194 14.65 -12.21 34.07
CA ASP A 194 15.55 -11.82 32.99
C ASP A 194 15.97 -12.97 32.08
N SER A 195 15.01 -13.80 31.71
CA SER A 195 15.26 -14.97 30.86
C SER A 195 15.00 -14.71 29.39
N SER A 196 15.74 -15.42 28.54
CA SER A 196 15.58 -15.30 27.10
C SER A 196 14.21 -15.87 26.71
N ARG A 197 13.62 -16.65 27.62
CA ARG A 197 12.31 -17.22 27.35
C ARG A 197 11.21 -16.18 27.54
N GLN A 198 11.60 -15.01 28.07
CA GLN A 198 10.67 -13.92 28.34
C GLN A 198 10.96 -12.68 27.51
N LYS A 199 11.87 -12.80 26.55
CA LYS A 199 12.23 -11.66 25.71
C LYS A 199 11.76 -11.96 24.29
N TRP A 200 11.08 -10.99 23.70
CA TRP A 200 10.52 -11.15 22.37
C TRP A 200 10.90 -10.06 21.39
N ILE A 201 11.41 -10.46 20.24
CA ILE A 201 11.80 -9.51 19.22
C ILE A 201 10.55 -9.26 18.38
N ILE A 202 10.10 -8.01 18.38
CA ILE A 202 8.91 -7.64 17.63
C ILE A 202 9.35 -7.16 16.25
N GLU A 203 8.82 -7.79 15.20
CA GLU A 203 9.19 -7.44 13.84
C GLU A 203 7.98 -7.32 12.92
N TYR A 204 7.87 -6.20 12.22
CA TYR A 204 6.76 -5.96 11.30
C TYR A 204 7.00 -6.73 9.99
N ASN A 205 5.96 -7.42 9.53
CA ASN A 205 6.02 -8.19 8.30
C ASN A 205 5.24 -7.39 7.25
N GLU A 206 5.94 -6.95 6.21
CA GLU A 206 5.32 -6.15 5.17
C GLU A 206 4.21 -6.86 4.39
N THR A 207 4.41 -8.14 4.11
CA THR A 207 3.42 -8.90 3.36
C THR A 207 2.08 -9.01 4.08
N LYS A 208 2.12 -9.26 5.38
CA LYS A 208 0.90 -9.41 6.17
C LYS A 208 0.45 -8.10 6.82
N SER A 209 1.33 -7.11 6.83
CA SER A 209 1.03 -5.81 7.44
C SER A 209 0.68 -6.03 8.91
N ALA A 210 1.46 -6.89 9.55
CA ALA A 210 1.27 -7.21 10.96
C ALA A 210 2.60 -7.67 11.55
N TYR A 211 2.63 -7.88 12.86
CA TYR A 211 3.85 -8.27 13.55
C TYR A 211 3.99 -9.73 13.94
N THR A 212 5.24 -10.16 14.08
CA THR A 212 5.53 -11.49 14.58
C THR A 212 6.33 -11.16 15.84
N LEU A 213 6.32 -12.06 16.81
CA LEU A 213 7.07 -11.85 18.04
C LEU A 213 7.90 -13.11 18.23
N LYS A 214 9.22 -12.94 18.16
CA LYS A 214 10.13 -14.07 18.26
C LYS A 214 10.76 -14.25 19.63
N CYS A 215 10.59 -15.45 20.19
CA CYS A 215 11.15 -15.78 21.49
C CYS A 215 12.67 -15.89 21.36
N GLN A 216 13.40 -15.11 22.14
CA GLN A 216 14.86 -15.11 22.10
C GLN A 216 15.50 -16.45 22.43
N GLU A 217 14.85 -17.25 23.26
CA GLU A 217 15.42 -18.54 23.68
C GLU A 217 15.50 -19.58 22.57
N ASN A 218 14.50 -19.67 21.70
CA ASN A 218 14.51 -20.67 20.64
C ASN A 218 14.29 -20.15 19.24
N ASN A 219 14.26 -18.83 19.07
CA ASN A 219 14.05 -18.23 17.76
C ASN A 219 12.77 -18.70 17.07
N ARG A 220 11.75 -19.03 17.86
CA ARG A 220 10.47 -19.46 17.31
C ARG A 220 9.45 -18.38 17.66
N TYR A 221 8.35 -18.34 16.91
CA TYR A 221 7.35 -17.27 17.06
C TYR A 221 6.04 -17.51 17.80
N LEU A 222 5.55 -16.45 18.43
CA LEU A 222 4.28 -16.47 19.17
C LEU A 222 3.21 -16.86 18.14
N THR A 223 2.59 -18.02 18.35
CA THR A 223 1.62 -18.52 17.39
C THR A 223 0.37 -19.14 18.00
N TRP A 224 -0.78 -18.86 17.38
CA TRP A 224 -2.05 -19.40 17.85
C TRP A 224 -2.16 -20.84 17.35
N ILE A 225 -2.25 -21.79 18.27
CA ILE A 225 -2.40 -23.20 17.91
C ILE A 225 -3.90 -23.50 18.01
N GLN A 226 -4.54 -23.63 16.86
CA GLN A 226 -5.98 -23.84 16.82
C GLN A 226 -6.53 -25.23 17.14
N ASN A 227 -7.10 -25.32 18.34
CA ASN A 227 -7.77 -26.53 18.84
C ASN A 227 -8.59 -26.07 20.03
N SER A 228 -9.33 -26.98 20.64
CA SER A 228 -10.19 -26.63 21.78
C SER A 228 -9.53 -25.82 22.90
N ASN A 229 -8.21 -25.94 23.05
CA ASN A 229 -7.49 -25.22 24.10
C ASN A 229 -7.11 -23.79 23.68
N ASN A 230 -6.86 -23.61 22.39
CA ASN A 230 -6.50 -22.31 21.84
C ASN A 230 -5.30 -21.65 22.53
N TYR A 231 -4.32 -22.46 22.88
CA TYR A 231 -3.12 -21.92 23.53
C TYR A 231 -2.23 -21.28 22.46
N VAL A 232 -1.33 -20.43 22.92
CA VAL A 232 -0.34 -19.84 22.01
C VAL A 232 0.93 -20.59 22.36
N GLU A 233 1.74 -20.88 21.36
CA GLU A 233 3.00 -21.61 21.54
C GLU A 233 4.06 -21.00 20.64
N THR A 234 5.32 -21.31 20.90
CA THR A 234 6.36 -20.83 20.00
C THR A 234 6.29 -21.84 18.86
N TYR A 235 6.29 -21.35 17.62
CA TYR A 235 6.18 -22.21 16.45
C TYR A 235 7.15 -21.75 15.37
N GLN A 236 7.53 -22.66 14.48
CA GLN A 236 8.45 -22.31 13.41
C GLN A 236 7.80 -21.28 12.50
N SER A 237 8.62 -20.58 11.72
CA SER A 237 8.12 -19.57 10.80
C SER A 237 7.10 -20.19 9.84
N THR A 238 5.99 -19.47 9.63
CA THR A 238 4.95 -19.91 8.72
C THR A 238 4.28 -18.69 8.09
N ASP A 239 3.64 -18.89 6.94
CA ASP A 239 2.95 -17.81 6.26
C ASP A 239 1.51 -17.75 6.74
N SER A 240 1.14 -18.72 7.58
CA SER A 240 -0.21 -18.79 8.11
C SER A 240 -0.49 -17.61 9.04
N LEU A 241 -1.69 -17.03 8.90
CA LEU A 241 -2.09 -15.88 9.69
C LEU A 241 -2.02 -16.07 11.20
N ILE A 242 -2.05 -17.33 11.66
CA ILE A 242 -2.00 -17.63 13.09
C ILE A 242 -0.73 -17.10 13.78
N GLN A 243 0.28 -16.73 12.99
CA GLN A 243 1.54 -16.25 13.55
C GLN A 243 1.70 -14.73 13.49
N TYR A 244 0.67 -14.05 12.98
CA TYR A 244 0.75 -12.59 12.84
C TYR A 244 -0.23 -11.86 13.75
N TRP A 245 0.24 -10.74 14.28
CA TRP A 245 -0.56 -9.96 15.22
C TRP A 245 -0.64 -8.47 14.94
N ASN A 246 -1.83 -7.92 15.11
CA ASN A 246 -2.05 -6.49 14.95
C ASN A 246 -1.83 -5.95 16.37
N ILE A 247 -0.70 -5.30 16.60
CA ILE A 247 -0.42 -4.76 17.93
C ILE A 247 -1.02 -3.36 17.95
N ASN A 248 -1.96 -3.13 18.85
CA ASN A 248 -2.60 -1.82 18.94
C ASN A 248 -2.69 -1.34 20.38
N TYR A 249 -2.97 -0.05 20.56
CA TYR A 249 -3.13 0.49 21.89
C TYR A 249 -4.58 0.19 22.26
N LEU A 250 -4.87 0.20 23.55
CA LEU A 250 -6.26 0.01 23.97
C LEU A 250 -6.97 1.17 23.29
N ASP A 251 -8.25 0.98 22.95
CA ASP A 251 -9.01 2.01 22.26
C ASP A 251 -8.79 3.43 22.77
N ASN A 252 -8.81 3.61 24.09
CA ASN A 252 -8.63 4.94 24.64
C ASN A 252 -7.58 5.03 25.75
N ASP A 253 -6.50 4.27 25.58
CA ASP A 253 -5.40 4.26 26.55
C ASP A 253 -4.13 3.87 25.80
N ALA A 254 -3.28 4.85 25.52
CA ALA A 254 -2.04 4.60 24.80
C ALA A 254 -0.94 4.00 25.67
N SER A 255 -1.25 3.72 26.92
CA SER A 255 -0.25 3.14 27.82
C SER A 255 -0.31 1.63 27.89
N LYS A 256 -1.33 1.05 27.27
CA LYS A 256 -1.51 -0.40 27.27
C LYS A 256 -1.80 -0.89 25.86
N TYR A 257 -1.53 -2.17 25.63
CA TYR A 257 -1.73 -2.78 24.31
C TYR A 257 -2.68 -3.96 24.28
N ILE A 258 -3.21 -4.21 23.08
CA ILE A 258 -4.09 -5.34 22.80
C ILE A 258 -3.44 -5.97 21.56
N LEU A 259 -3.38 -7.29 21.51
CA LEU A 259 -2.79 -7.95 20.35
C LEU A 259 -3.83 -8.85 19.69
N TYR A 260 -4.31 -8.41 18.52
CA TYR A 260 -5.33 -9.15 17.77
C TYR A 260 -4.65 -10.13 16.81
N ASN A 261 -5.12 -11.37 16.76
CA ASN A 261 -4.53 -12.35 15.85
C ASN A 261 -5.14 -12.24 14.46
N LEU A 262 -4.28 -12.24 13.43
CA LEU A 262 -4.77 -12.09 12.06
C LEU A 262 -5.66 -13.22 11.53
N GLN A 263 -5.54 -14.42 12.10
CA GLN A 263 -6.35 -15.55 11.66
C GLN A 263 -7.83 -15.24 11.93
N ASP A 264 -8.06 -14.47 13.00
CA ASP A 264 -9.41 -14.06 13.40
C ASP A 264 -9.21 -12.80 14.24
N THR A 265 -9.28 -11.65 13.58
CA THR A 265 -9.07 -10.37 14.27
C THR A 265 -10.06 -10.04 15.37
N ASN A 266 -11.01 -10.93 15.62
CA ASN A 266 -11.99 -10.72 16.69
C ASN A 266 -11.44 -11.39 17.95
N ARG A 267 -10.32 -12.09 17.80
CA ARG A 267 -9.67 -12.83 18.89
C ARG A 267 -8.35 -12.16 19.27
N VAL A 268 -8.00 -12.21 20.56
CA VAL A 268 -6.77 -11.57 21.03
C VAL A 268 -5.98 -12.38 22.04
N LEU A 269 -4.73 -11.95 22.28
CA LEU A 269 -3.85 -12.60 23.23
C LEU A 269 -4.54 -12.44 24.59
N ASP A 270 -4.80 -13.57 25.24
CA ASP A 270 -5.58 -13.55 26.48
C ASP A 270 -5.01 -14.46 27.57
N VAL A 271 -5.20 -14.08 28.83
CA VAL A 271 -4.72 -14.88 29.96
C VAL A 271 -5.88 -15.75 30.42
N TYR A 272 -5.67 -17.06 30.38
CA TYR A 272 -6.69 -18.04 30.77
C TYR A 272 -7.33 -17.77 32.13
N ASN A 273 -8.66 -17.61 32.11
CA ASN A 273 -9.44 -17.37 33.32
C ASN A 273 -8.89 -16.25 34.21
N SER A 274 -8.15 -15.32 33.60
CA SER A 274 -7.57 -14.18 34.31
C SER A 274 -6.76 -14.61 35.53
N GLN A 275 -6.15 -15.78 35.45
CA GLN A 275 -5.33 -16.29 36.56
C GLN A 275 -3.94 -15.67 36.47
N ILE A 276 -3.28 -15.51 37.62
CA ILE A 276 -1.94 -14.90 37.63
C ILE A 276 -0.80 -15.81 38.08
N ALA A 277 -1.11 -17.01 38.53
CA ALA A 277 -0.06 -17.92 38.99
C ALA A 277 0.95 -18.25 37.89
N ASN A 278 2.21 -18.42 38.28
CA ASN A 278 3.24 -18.78 37.31
C ASN A 278 2.76 -20.05 36.60
N GLY A 279 2.86 -20.07 35.27
CA GLY A 279 2.43 -21.25 34.53
C GLY A 279 1.05 -21.13 33.90
N THR A 280 0.31 -20.09 34.25
CA THR A 280 -1.03 -19.89 33.69
C THR A 280 -0.94 -19.81 32.17
N HIS A 281 -1.81 -20.55 31.50
CA HIS A 281 -1.86 -20.58 30.04
C HIS A 281 -2.24 -19.24 29.42
N VAL A 282 -1.56 -18.89 28.34
CA VAL A 282 -1.89 -17.68 27.60
C VAL A 282 -2.57 -18.27 26.37
N ILE A 283 -3.68 -17.66 25.96
CA ILE A 283 -4.44 -18.18 24.83
C ILE A 283 -4.90 -17.08 23.90
N VAL A 284 -5.73 -17.48 22.94
CA VAL A 284 -6.33 -16.56 21.98
C VAL A 284 -7.82 -16.72 22.21
N ASP A 285 -8.51 -15.65 22.54
CA ASP A 285 -9.94 -15.73 22.79
C ASP A 285 -10.66 -14.47 22.34
N SER A 286 -11.98 -14.54 22.27
CA SER A 286 -12.80 -13.42 21.83
C SER A 286 -12.51 -12.13 22.59
N TYR A 287 -12.41 -11.04 21.84
CA TYR A 287 -12.15 -9.73 22.42
C TYR A 287 -13.26 -9.29 23.37
N HIS A 288 -12.88 -8.79 24.53
CA HIS A 288 -13.83 -8.27 25.51
C HIS A 288 -13.24 -6.97 26.04
N GLY A 289 -11.92 -6.93 26.04
CA GLY A 289 -11.21 -5.73 26.48
C GLY A 289 -10.87 -5.60 27.95
N ASN A 290 -11.15 -6.63 28.75
N ASN A 290 -11.14 -6.64 28.73
CA ASN A 290 -10.84 -6.56 30.17
CA ASN A 290 -10.87 -6.62 30.16
C ASN A 290 -9.34 -6.72 30.40
C ASN A 290 -9.35 -6.76 30.40
N THR A 291 -8.91 -6.49 31.62
CA THR A 291 -7.47 -6.56 31.93
C THR A 291 -6.68 -7.81 31.56
N ASN A 292 -7.34 -8.95 31.41
CA ASN A 292 -6.62 -10.18 31.05
C ASN A 292 -6.23 -10.20 29.56
N GLN A 293 -6.65 -9.17 28.83
CA GLN A 293 -6.33 -9.05 27.41
C GLN A 293 -5.50 -7.78 27.18
N GLN A 294 -5.11 -7.12 28.27
CA GLN A 294 -4.32 -5.89 28.19
C GLN A 294 -2.86 -6.21 28.52
N TRP A 295 -1.95 -5.67 27.72
CA TRP A 295 -0.53 -5.92 27.93
C TRP A 295 0.30 -4.66 27.98
N ILE A 296 1.35 -4.70 28.82
CA ILE A 296 2.27 -3.59 28.99
C ILE A 296 3.56 -4.03 28.28
N ILE A 297 3.90 -3.34 27.21
CA ILE A 297 5.10 -3.67 26.44
C ILE A 297 6.22 -2.69 26.71
N ASN A 298 7.38 -3.22 27.09
CA ASN A 298 8.53 -2.38 27.36
C ASN A 298 9.75 -2.93 26.63
N LEU A 299 10.64 -2.02 26.22
CA LEU A 299 11.85 -2.42 25.54
C LEU A 299 12.84 -2.92 26.58
N ILE A 300 13.53 -4.00 26.27
CA ILE A 300 14.52 -4.58 27.17
C ILE A 300 15.66 -3.58 27.35
N THR B 18 -4.54 -5.81 -2.25
CA THR B 18 -3.29 -5.87 -3.08
C THR B 18 -2.72 -4.46 -3.30
N ASN B 19 -1.41 -4.38 -3.49
CA ASN B 19 -0.77 -3.10 -3.74
C ASN B 19 -0.42 -2.97 -5.22
N ALA B 20 -0.94 -3.91 -6.02
CA ALA B 20 -0.68 -3.91 -7.46
C ALA B 20 -1.32 -2.74 -8.18
N ASN B 21 -2.33 -2.13 -7.57
CA ASN B 21 -3.01 -1.01 -8.19
C ASN B 21 -2.56 0.34 -7.66
N ASP B 22 -1.49 0.34 -6.84
CA ASP B 22 -0.99 1.59 -6.28
C ASP B 22 -0.58 2.55 -7.40
N LEU B 23 -0.71 3.84 -7.13
CA LEU B 23 -0.40 4.88 -8.11
C LEU B 23 1.09 5.12 -8.32
N ARG B 24 1.77 4.09 -8.81
CA ARG B 24 3.20 4.16 -9.07
C ARG B 24 3.53 4.88 -10.37
N ASN B 25 4.67 5.53 -10.38
CA ASN B 25 5.11 6.23 -11.57
C ASN B 25 5.28 5.22 -12.70
N ASN B 26 4.88 5.61 -13.90
CA ASN B 26 4.99 4.80 -15.10
C ASN B 26 4.07 3.60 -15.28
N GLU B 27 3.24 3.30 -14.28
CA GLU B 27 2.31 2.18 -14.42
C GLU B 27 1.10 2.63 -15.25
N VAL B 28 0.42 1.66 -15.86
CA VAL B 28 -0.72 1.95 -16.73
C VAL B 28 -2.04 1.47 -16.13
N PHE B 29 -3.06 2.33 -16.21
CA PHE B 29 -4.35 2.03 -15.62
C PHE B 29 -5.61 2.26 -16.45
N PHE B 30 -6.69 1.66 -15.96
CA PHE B 30 -8.02 1.86 -16.52
C PHE B 30 -8.50 2.85 -15.47
N ILE B 31 -9.08 3.97 -15.90
CA ILE B 31 -9.58 4.96 -14.95
C ILE B 31 -11.10 4.93 -15.05
N SER B 32 -11.75 4.60 -13.95
CA SER B 32 -13.21 4.47 -13.95
C SER B 32 -13.92 5.15 -12.81
N PRO B 33 -15.25 5.31 -12.95
CA PRO B 33 -16.02 5.93 -11.86
C PRO B 33 -15.82 4.99 -10.68
N SER B 34 -15.88 5.51 -9.46
CA SER B 34 -15.68 4.65 -8.29
C SER B 34 -16.76 3.58 -8.17
N ASN B 35 -17.96 3.88 -8.67
CA ASN B 35 -19.09 2.93 -8.56
C ASN B 35 -19.34 2.04 -9.77
N ASN B 36 -18.51 2.13 -10.82
CA ASN B 36 -18.70 1.30 -12.00
C ASN B 36 -17.37 1.07 -12.70
N THR B 37 -16.68 -0.01 -12.33
CA THR B 37 -15.39 -0.31 -12.93
C THR B 37 -15.48 -0.76 -14.38
N ASN B 38 -16.69 -0.97 -14.90
CA ASN B 38 -16.82 -1.41 -16.29
C ASN B 38 -16.95 -0.23 -17.26
N LYS B 39 -16.95 0.98 -16.71
CA LYS B 39 -17.00 2.20 -17.53
C LYS B 39 -15.63 2.81 -17.33
N VAL B 40 -14.90 3.07 -18.42
CA VAL B 40 -13.55 3.60 -18.29
C VAL B 40 -13.25 4.80 -19.17
N LEU B 41 -12.27 5.60 -18.77
CA LEU B 41 -11.85 6.78 -19.53
C LEU B 41 -11.41 6.26 -20.89
N ASP B 42 -11.99 6.81 -21.94
CA ASP B 42 -11.74 6.33 -23.30
C ASP B 42 -11.46 7.47 -24.28
N LYS B 43 -10.35 7.37 -25.02
CA LYS B 43 -10.03 8.37 -26.04
C LYS B 43 -10.87 7.95 -27.24
N ILE B 44 -11.93 8.71 -27.53
CA ILE B 44 -12.84 8.38 -28.61
C ILE B 44 -12.53 9.01 -29.96
N SER B 45 -11.60 9.96 -29.97
CA SER B 45 -11.23 10.61 -31.22
C SER B 45 -9.81 11.14 -31.10
N GLN B 46 -9.39 11.97 -32.05
CA GLN B 46 -8.05 12.52 -32.01
C GLN B 46 -7.88 13.50 -30.87
N SER B 47 -8.98 13.95 -30.28
CA SER B 47 -8.88 14.92 -29.19
C SER B 47 -9.86 14.77 -28.04
N GLU B 48 -10.89 13.94 -28.21
CA GLU B 48 -11.90 13.80 -27.16
C GLU B 48 -11.82 12.54 -26.31
N VAL B 49 -12.28 12.67 -25.07
CA VAL B 49 -12.34 11.56 -24.12
C VAL B 49 -13.72 11.52 -23.49
N LYS B 50 -14.22 10.31 -23.28
CA LYS B 50 -15.52 10.10 -22.64
C LYS B 50 -15.45 8.75 -21.94
N LEU B 51 -16.41 8.47 -21.08
CA LEU B 51 -16.41 7.16 -20.43
C LEU B 51 -17.02 6.22 -21.46
N TRP B 52 -16.57 4.97 -21.46
CA TRP B 52 -17.07 3.98 -22.41
C TRP B 52 -17.02 2.62 -21.70
N ASN B 53 -17.82 1.66 -22.17
N ASN B 53 -17.81 1.67 -22.18
CA ASN B 53 -17.77 0.34 -21.54
CA ASN B 53 -17.77 0.34 -21.57
C ASN B 53 -16.38 -0.24 -21.80
C ASN B 53 -16.38 -0.24 -21.80
N LYS B 54 -15.84 -0.94 -20.80
CA LYS B 54 -14.51 -1.52 -20.92
C LYS B 54 -14.38 -2.54 -22.05
N LEU B 55 -13.35 -2.36 -22.86
CA LEU B 55 -13.05 -3.24 -23.99
C LEU B 55 -11.57 -3.60 -23.94
N SER B 56 -10.85 -2.95 -23.03
CA SER B 56 -9.42 -3.18 -22.84
C SER B 56 -8.59 -2.80 -24.07
N GLY B 57 -9.09 -1.85 -24.85
CA GLY B 57 -8.36 -1.38 -26.03
C GLY B 57 -7.29 -0.41 -25.54
N ALA B 58 -6.24 -0.18 -26.33
CA ALA B 58 -5.17 0.72 -25.92
C ALA B 58 -5.63 2.16 -25.66
N ASN B 59 -6.71 2.56 -26.32
CA ASN B 59 -7.24 3.90 -26.15
C ASN B 59 -7.96 4.05 -24.81
N GLN B 60 -7.98 2.97 -24.03
CA GLN B 60 -8.61 3.00 -22.70
C GLN B 60 -7.56 2.80 -21.62
N LYS B 61 -6.28 2.86 -22.00
CA LYS B 61 -5.20 2.66 -21.04
C LYS B 61 -4.39 3.94 -20.85
N TRP B 62 -4.12 4.27 -19.60
CA TRP B 62 -3.41 5.50 -19.27
C TRP B 62 -2.19 5.32 -18.38
N ARG B 63 -1.06 5.87 -18.83
CA ARG B 63 0.18 5.78 -18.06
C ARG B 63 0.37 7.02 -17.20
N LEU B 64 0.74 6.81 -15.94
CA LEU B 64 0.98 7.91 -15.01
C LEU B 64 2.44 8.32 -15.12
N ILE B 65 2.67 9.62 -15.29
CA ILE B 65 4.04 10.14 -15.38
C ILE B 65 4.20 11.20 -14.30
N TYR B 66 4.86 10.81 -13.22
CA TYR B 66 5.06 11.68 -12.06
C TYR B 66 6.16 12.71 -12.19
N ASP B 67 5.89 13.91 -11.66
CA ASP B 67 6.86 15.00 -11.64
C ASP B 67 7.11 15.25 -10.15
N THR B 68 8.32 14.97 -9.68
CA THR B 68 8.63 15.14 -8.26
C THR B 68 8.58 16.58 -7.76
N ASN B 69 8.87 17.55 -8.63
CA ASN B 69 8.85 18.95 -8.22
C ASN B 69 7.41 19.44 -7.99
N LYS B 70 6.53 19.10 -8.92
CA LYS B 70 5.13 19.51 -8.81
C LYS B 70 4.35 18.57 -7.90
N GLN B 71 4.88 17.36 -7.70
CA GLN B 71 4.20 16.35 -6.89
C GLN B 71 2.84 16.12 -7.53
N ALA B 72 2.84 16.08 -8.86
CA ALA B 72 1.63 15.88 -9.65
C ALA B 72 1.96 14.96 -10.83
N TYR B 73 0.93 14.50 -11.52
CA TYR B 73 1.15 13.57 -12.63
C TYR B 73 0.57 14.01 -13.96
N LYS B 74 1.15 13.47 -15.03
CA LYS B 74 0.63 13.67 -16.38
C LYS B 74 -0.06 12.33 -16.59
N ILE B 75 -1.12 12.30 -17.37
CA ILE B 75 -1.87 11.07 -17.64
C ILE B 75 -1.86 10.88 -19.15
N LYS B 76 -1.04 9.94 -19.61
CA LYS B 76 -0.86 9.69 -21.04
C LYS B 76 -1.59 8.49 -21.63
N VAL B 77 -2.35 8.72 -22.70
CA VAL B 77 -3.07 7.62 -23.36
C VAL B 77 -2.01 6.70 -23.99
N MET B 78 -2.29 5.40 -24.04
CA MET B 78 -1.33 4.45 -24.58
C MET B 78 -1.67 3.84 -25.94
N ASP B 79 -2.38 4.59 -26.78
CA ASP B 79 -2.74 4.08 -28.11
C ASP B 79 -1.69 4.45 -29.15
N ASN B 80 -0.56 4.95 -28.68
CA ASN B 80 0.59 5.37 -29.49
C ASN B 80 0.55 6.79 -30.04
N THR B 81 -0.42 7.58 -29.58
CA THR B 81 -0.53 8.98 -30.03
C THR B 81 0.21 9.89 -29.05
N SER B 82 0.53 9.35 -27.88
CA SER B 82 1.26 10.08 -26.85
C SER B 82 0.55 11.32 -26.29
N LEU B 83 -0.73 11.49 -26.57
CA LEU B 83 -1.45 12.64 -26.06
C LEU B 83 -1.76 12.45 -24.57
N ILE B 84 -1.88 13.55 -23.84
CA ILE B 84 -2.15 13.47 -22.40
C ILE B 84 -3.44 14.19 -22.00
N LEU B 85 -4.06 13.72 -20.90
CA LEU B 85 -5.30 14.30 -20.41
C LEU B 85 -5.09 15.77 -20.07
N THR B 86 -5.90 16.62 -20.67
CA THR B 86 -5.75 18.07 -20.49
C THR B 86 -7.05 18.79 -20.15
N TRP B 87 -6.97 19.74 -19.22
CA TRP B 87 -8.13 20.55 -18.87
C TRP B 87 -8.12 21.74 -19.81
N ASN B 88 -9.19 21.90 -20.58
CA ASN B 88 -9.31 22.98 -21.56
C ASN B 88 -9.61 24.33 -20.93
N ALA B 89 -8.82 24.74 -19.94
CA ALA B 89 -9.03 26.03 -19.28
C ALA B 89 -9.16 27.12 -20.36
N PRO B 90 -10.05 28.10 -20.15
CA PRO B 90 -10.98 28.31 -19.03
C PRO B 90 -12.30 27.54 -19.10
N LEU B 91 -12.49 26.73 -20.13
CA LEU B 91 -13.71 25.94 -20.26
C LEU B 91 -13.65 24.82 -19.22
N SER B 92 -14.77 24.15 -18.99
CA SER B 92 -14.81 23.06 -18.02
C SER B 92 -14.53 21.71 -18.65
N SER B 93 -14.44 21.69 -19.97
CA SER B 93 -14.19 20.45 -20.71
C SER B 93 -12.75 19.97 -20.61
N VAL B 94 -12.53 18.70 -20.95
CA VAL B 94 -11.20 18.12 -20.93
C VAL B 94 -10.99 17.45 -22.29
N SER B 95 -9.74 17.17 -22.62
CA SER B 95 -9.41 16.53 -23.88
C SER B 95 -8.04 15.90 -23.77
N VAL B 96 -7.56 15.33 -24.87
CA VAL B 96 -6.23 14.76 -24.92
C VAL B 96 -5.50 15.65 -25.92
N LYS B 97 -4.35 16.18 -25.50
CA LYS B 97 -3.58 17.07 -26.35
C LYS B 97 -2.09 16.77 -26.26
N THR B 98 -1.35 17.36 -27.18
CA THR B 98 0.10 17.20 -27.18
C THR B 98 0.63 17.69 -25.84
N ASP B 99 1.66 17.02 -25.35
CA ASP B 99 2.27 17.39 -24.08
C ASP B 99 3.16 18.61 -24.27
N THR B 100 2.72 19.75 -23.74
CA THR B 100 3.49 20.98 -23.83
C THR B 100 3.84 21.42 -22.40
N ASN B 101 3.74 20.46 -21.49
CA ASN B 101 4.06 20.66 -20.08
C ASN B 101 3.28 21.80 -19.41
N GLY B 102 2.03 22.00 -19.83
CA GLY B 102 1.23 23.06 -19.25
C GLY B 102 0.69 22.69 -17.87
N ASP B 103 0.48 23.70 -17.03
CA ASP B 103 -0.05 23.45 -15.68
C ASP B 103 -1.38 22.73 -15.76
N ASN B 104 -2.13 23.00 -16.82
CA ASN B 104 -3.44 22.40 -17.01
C ASN B 104 -3.36 20.93 -17.43
N GLN B 105 -2.14 20.45 -17.65
CA GLN B 105 -1.93 19.07 -18.06
C GLN B 105 -1.40 18.22 -16.91
N TYR B 106 -1.30 18.82 -15.73
CA TYR B 106 -0.85 18.10 -14.55
C TYR B 106 -2.01 17.88 -13.61
N TRP B 107 -1.98 16.76 -12.91
CA TRP B 107 -3.05 16.40 -11.99
C TRP B 107 -2.56 15.84 -10.68
N TYR B 108 -3.16 16.30 -9.59
CA TYR B 108 -2.82 15.77 -8.28
C TYR B 108 -3.67 14.52 -8.17
N LEU B 109 -3.05 13.39 -7.84
CA LEU B 109 -3.78 12.14 -7.68
C LEU B 109 -3.62 11.74 -6.22
N LEU B 110 -4.62 12.06 -5.42
CA LEU B 110 -4.58 11.72 -4.00
C LEU B 110 -5.64 10.67 -3.78
N GLN B 111 -5.27 9.64 -3.02
CA GLN B 111 -6.15 8.52 -2.79
C GLN B 111 -6.52 8.22 -1.35
N ASN B 112 -7.74 7.72 -1.19
CA ASN B 112 -8.27 7.30 0.11
C ASN B 112 -7.76 5.86 0.24
N TYR B 113 -6.92 5.61 1.23
CA TYR B 113 -6.35 4.29 1.44
C TYR B 113 -7.36 3.15 1.57
N ILE B 114 -8.45 3.41 2.27
CA ILE B 114 -9.47 2.40 2.51
C ILE B 114 -10.43 2.15 1.34
N SER B 115 -11.02 3.21 0.80
CA SER B 115 -11.96 3.08 -0.30
C SER B 115 -11.24 2.82 -1.62
N ARG B 116 -9.99 3.23 -1.70
CA ARG B 116 -9.16 3.09 -2.89
C ARG B 116 -9.55 4.13 -3.94
N ASN B 117 -10.52 4.97 -3.61
CA ASN B 117 -10.97 6.01 -4.53
C ASN B 117 -9.98 7.15 -4.65
N VAL B 118 -9.88 7.68 -5.86
CA VAL B 118 -8.95 8.76 -6.16
C VAL B 118 -9.65 10.03 -6.64
N ILE B 119 -9.18 11.17 -6.17
CA ILE B 119 -9.72 12.44 -6.61
C ILE B 119 -8.68 12.95 -7.60
N ILE B 120 -9.13 13.26 -8.81
CA ILE B 120 -8.25 13.75 -9.87
C ILE B 120 -8.42 15.26 -9.88
N ARG B 121 -7.48 15.93 -9.21
CA ARG B 121 -7.50 17.38 -9.04
C ARG B 121 -6.53 18.07 -10.00
N ASN B 122 -6.97 19.12 -10.66
CA ASN B 122 -6.08 19.79 -11.59
C ASN B 122 -5.02 20.64 -10.90
N TYR B 123 -3.81 20.57 -11.43
CA TYR B 123 -2.68 21.30 -10.88
C TYR B 123 -2.80 22.81 -11.12
N MET B 124 -3.29 23.20 -12.29
CA MET B 124 -3.44 24.63 -12.61
C MET B 124 -4.39 25.34 -11.67
N ASN B 125 -5.45 24.63 -11.26
CA ASN B 125 -6.41 25.18 -10.32
C ASN B 125 -6.88 24.03 -9.43
N PRO B 126 -6.25 23.84 -8.28
CA PRO B 126 -6.60 22.76 -7.35
C PRO B 126 -7.99 22.86 -6.73
N ASN B 127 -8.75 23.89 -7.08
CA ASN B 127 -10.11 24.01 -6.56
C ASN B 127 -11.02 23.18 -7.46
N LEU B 128 -10.48 22.75 -8.59
CA LEU B 128 -11.25 21.97 -9.56
C LEU B 128 -10.82 20.52 -9.65
N VAL B 129 -11.80 19.62 -9.71
CA VAL B 129 -11.53 18.20 -9.81
C VAL B 129 -12.26 17.59 -10.99
N LEU B 130 -11.77 16.46 -11.48
CA LEU B 130 -12.40 15.79 -12.61
C LEU B 130 -13.71 15.21 -12.12
N GLN B 131 -14.71 15.22 -13.00
CA GLN B 131 -16.04 14.72 -12.66
C GLN B 131 -16.68 14.13 -13.91
N TYR B 132 -17.40 13.03 -13.76
CA TYR B 132 -18.07 12.43 -14.91
C TYR B 132 -19.55 12.75 -14.80
N ASN B 133 -20.17 13.03 -15.95
CA ASN B 133 -21.57 13.39 -15.98
C ASN B 133 -22.47 12.23 -16.41
N ILE B 134 -23.77 12.47 -16.33
CA ILE B 134 -24.77 11.46 -16.67
C ILE B 134 -24.67 10.97 -18.12
N ASP B 135 -24.15 11.81 -19.00
CA ASP B 135 -24.01 11.44 -20.41
C ASP B 135 -22.63 10.89 -20.75
N ASP B 136 -21.91 10.40 -19.74
CA ASP B 136 -20.58 9.84 -19.92
C ASP B 136 -19.49 10.83 -20.32
N THR B 137 -19.80 12.12 -20.32
CA THR B 137 -18.79 13.10 -20.65
C THR B 137 -18.09 13.47 -19.36
N LEU B 138 -16.91 14.06 -19.46
CA LEU B 138 -16.17 14.44 -18.27
C LEU B 138 -15.94 15.95 -18.28
N MET B 139 -15.74 16.50 -17.09
CA MET B 139 -15.49 17.91 -16.96
C MET B 139 -14.73 18.17 -15.66
N VAL B 140 -14.25 19.39 -15.53
CA VAL B 140 -13.51 19.80 -14.35
C VAL B 140 -14.40 20.82 -13.63
N SER B 141 -14.64 20.61 -12.34
CA SER B 141 -15.48 21.54 -11.58
C SER B 141 -15.19 21.55 -10.09
N THR B 142 -15.88 22.40 -9.35
CA THR B 142 -15.69 22.52 -7.91
C THR B 142 -16.02 21.21 -7.18
N GLN B 143 -15.30 20.97 -6.09
CA GLN B 143 -15.46 19.74 -5.32
C GLN B 143 -16.71 19.64 -4.46
N THR B 144 -17.25 18.42 -4.40
CA THR B 144 -18.44 18.11 -3.61
C THR B 144 -18.09 16.92 -2.72
N SER B 145 -19.11 16.13 -2.39
CA SER B 145 -18.92 14.94 -1.57
C SER B 145 -19.54 13.79 -2.36
N SER B 146 -19.89 14.09 -3.61
CA SER B 146 -20.51 13.12 -4.49
C SER B 146 -19.52 12.13 -5.09
N SER B 147 -20.01 10.93 -5.40
CA SER B 147 -19.18 9.89 -5.98
C SER B 147 -18.86 10.16 -7.45
N ASN B 148 -19.50 11.16 -8.05
CA ASN B 148 -19.23 11.47 -9.45
C ASN B 148 -17.87 12.14 -9.60
N GLN B 149 -17.17 12.33 -8.48
CA GLN B 149 -15.84 12.92 -8.50
C GLN B 149 -14.82 11.93 -7.93
N PHE B 150 -15.27 10.70 -7.68
CA PHE B 150 -14.38 9.67 -7.16
C PHE B 150 -14.11 8.65 -8.27
N PHE B 151 -12.83 8.34 -8.48
CA PHE B 151 -12.43 7.40 -9.50
C PHE B 151 -11.60 6.26 -8.95
N LYS B 152 -11.61 5.14 -9.65
CA LYS B 152 -10.80 4.01 -9.25
C LYS B 152 -9.78 3.78 -10.36
N PHE B 153 -8.56 3.42 -9.97
CA PHE B 153 -7.47 3.16 -10.90
C PHE B 153 -7.15 1.68 -10.82
N SER B 154 -7.29 0.99 -11.95
CA SER B 154 -7.02 -0.44 -12.01
C SER B 154 -5.83 -0.70 -12.93
N ASN B 155 -4.77 -1.27 -12.36
CA ASN B 155 -3.58 -1.58 -13.13
C ASN B 155 -3.96 -2.60 -14.21
N CYS B 156 -3.83 -2.19 -15.48
CA CYS B 156 -4.19 -3.04 -16.61
C CYS B 156 -3.51 -4.40 -16.66
N ILE B 157 -2.19 -4.40 -16.50
CA ILE B 157 -1.41 -5.63 -16.55
C ILE B 157 -1.75 -6.60 -15.42
N TYR B 158 -1.97 -6.07 -14.22
CA TYR B 158 -2.33 -6.92 -13.10
C TYR B 158 -3.67 -7.59 -13.41
N GLU B 159 -4.61 -6.80 -13.90
CA GLU B 159 -5.94 -7.31 -14.24
C GLU B 159 -5.90 -8.39 -15.30
N ALA B 160 -5.10 -8.18 -16.33
CA ALA B 160 -5.02 -9.13 -17.44
C ALA B 160 -4.16 -10.38 -17.21
N LEU B 161 -3.04 -10.22 -16.51
CA LEU B 161 -2.12 -11.35 -16.34
C LEU B 161 -1.97 -12.06 -15.01
N ASN B 162 -2.35 -11.43 -13.90
CA ASN B 162 -2.14 -12.09 -12.63
C ASN B 162 -2.76 -13.48 -12.48
N ASN B 163 -1.95 -14.41 -11.98
CA ASN B 163 -2.37 -15.79 -11.76
C ASN B 163 -2.83 -16.45 -13.04
N ARG B 164 -2.28 -16.00 -14.16
CA ARG B 164 -2.66 -16.56 -15.46
C ARG B 164 -1.53 -17.37 -16.07
N ASN B 165 -1.90 -18.49 -16.70
CA ASN B 165 -0.93 -19.34 -17.38
C ASN B 165 -0.74 -18.68 -18.74
N CYS B 166 0.47 -18.21 -19.01
CA CYS B 166 0.75 -17.51 -20.27
C CYS B 166 1.93 -18.05 -21.07
N LYS B 167 2.01 -17.57 -22.31
CA LYS B 167 3.11 -17.91 -23.20
C LYS B 167 3.70 -16.56 -23.61
N LEU B 168 5.01 -16.51 -23.75
CA LEU B 168 5.68 -15.26 -24.12
C LEU B 168 6.53 -15.47 -25.35
N GLN B 169 6.36 -14.61 -26.34
CA GLN B 169 7.15 -14.74 -27.55
C GLN B 169 7.82 -13.43 -27.91
N THR B 170 8.95 -13.54 -28.61
CA THR B 170 9.70 -12.36 -29.00
C THR B 170 9.07 -11.67 -30.21
N GLN B 171 9.23 -10.36 -30.29
CA GLN B 171 8.72 -9.58 -31.41
C GLN B 171 9.59 -9.80 -32.64
N LEU B 172 10.75 -10.43 -32.45
CA LEU B 172 11.70 -10.68 -33.53
C LEU B 172 11.20 -11.54 -34.70
N ASN B 173 10.41 -12.55 -34.39
CA ASN B 173 9.93 -13.45 -35.43
C ASN B 173 8.73 -14.20 -34.89
N SER B 174 7.78 -14.50 -35.76
CA SER B 174 6.61 -15.24 -35.29
C SER B 174 7.10 -16.61 -34.81
N ASP B 175 6.31 -17.22 -33.93
CA ASP B 175 6.63 -18.55 -33.43
C ASP B 175 8.01 -18.80 -32.81
N ARG B 176 8.40 -17.93 -31.88
CA ARG B 176 9.66 -18.08 -31.15
C ARG B 176 9.30 -17.71 -29.72
N PHE B 177 9.11 -18.73 -28.89
CA PHE B 177 8.70 -18.54 -27.51
C PHE B 177 9.74 -18.76 -26.44
N LEU B 178 9.50 -18.13 -25.30
CA LEU B 178 10.36 -18.24 -24.12
C LEU B 178 10.17 -19.69 -23.68
N SER B 179 11.24 -20.48 -23.75
CA SER B 179 11.13 -21.90 -23.43
C SER B 179 12.27 -22.44 -22.58
N LYS B 180 11.94 -23.20 -21.54
CA LYS B 180 12.97 -23.83 -20.73
C LYS B 180 13.53 -24.91 -21.65
N ASN B 181 14.84 -25.11 -21.62
CA ASN B 181 15.45 -26.12 -22.48
C ASN B 181 15.12 -27.51 -21.98
N LEU B 182 15.26 -28.50 -22.85
CA LEU B 182 15.00 -29.89 -22.49
C LEU B 182 16.17 -30.40 -21.66
N ASN B 183 15.87 -30.95 -20.49
CA ASN B 183 16.88 -31.48 -19.59
C ASN B 183 17.97 -30.48 -19.21
N SER B 184 17.55 -29.22 -19.06
CA SER B 184 18.43 -28.12 -18.69
C SER B 184 17.58 -27.03 -18.06
N GLN B 185 18.21 -26.16 -17.27
CA GLN B 185 17.48 -25.07 -16.62
C GLN B 185 17.58 -23.79 -17.45
N ILE B 186 18.47 -23.79 -18.45
CA ILE B 186 18.67 -22.62 -19.30
C ILE B 186 17.44 -22.34 -20.17
N ILE B 187 17.06 -21.07 -20.25
CA ILE B 187 15.89 -20.66 -21.03
C ILE B 187 16.31 -20.10 -22.38
N VAL B 188 15.65 -20.58 -23.44
CA VAL B 188 15.96 -20.17 -24.80
C VAL B 188 14.70 -19.90 -25.62
N LEU B 189 14.90 -19.58 -26.90
CA LEU B 189 13.79 -19.36 -27.80
C LEU B 189 13.51 -20.68 -28.50
N TRP B 190 12.24 -20.97 -28.75
CA TRP B 190 11.90 -22.21 -29.45
C TRP B 190 10.51 -22.10 -30.05
N GLN B 191 10.33 -22.75 -31.18
CA GLN B 191 9.03 -22.77 -31.85
C GLN B 191 8.03 -23.36 -30.87
N TRP B 192 6.77 -22.97 -31.02
CA TRP B 192 5.72 -23.46 -30.13
C TRP B 192 5.36 -24.92 -30.38
N PHE B 193 5.32 -25.71 -29.31
CA PHE B 193 4.89 -27.09 -29.42
C PHE B 193 4.02 -27.46 -28.22
N ASP B 194 3.37 -26.43 -27.67
CA ASP B 194 2.44 -26.56 -26.54
C ASP B 194 3.07 -27.35 -25.39
N SER B 195 4.35 -27.07 -25.14
CA SER B 195 5.09 -27.75 -24.08
C SER B 195 4.99 -27.05 -22.73
N SER B 196 5.03 -27.85 -21.67
CA SER B 196 4.97 -27.30 -20.32
C SER B 196 6.23 -26.44 -20.11
N ARG B 197 7.23 -26.65 -20.95
CA ARG B 197 8.46 -25.87 -20.85
C ARG B 197 8.28 -24.48 -21.44
N GLN B 198 7.12 -24.24 -22.05
CA GLN B 198 6.82 -22.97 -22.68
C GLN B 198 5.62 -22.25 -22.07
N LYS B 199 5.12 -22.78 -20.96
CA LYS B 199 3.97 -22.19 -20.27
C LYS B 199 4.43 -21.62 -18.95
N TRP B 200 4.06 -20.36 -18.71
CA TRP B 200 4.48 -19.66 -17.51
C TRP B 200 3.34 -19.03 -16.73
N ILE B 201 3.24 -19.39 -15.46
CA ILE B 201 2.20 -18.81 -14.62
C ILE B 201 2.76 -17.49 -14.11
N ILE B 202 2.12 -16.40 -14.48
CA ILE B 202 2.55 -15.09 -14.04
C ILE B 202 1.81 -14.77 -12.75
N GLU B 203 2.58 -14.52 -11.69
CA GLU B 203 2.01 -14.24 -10.38
C GLU B 203 2.62 -13.01 -9.74
N TYR B 204 1.77 -12.10 -9.30
CA TYR B 204 2.22 -10.88 -8.66
C TYR B 204 2.65 -11.20 -7.24
N ASN B 205 3.82 -10.71 -6.85
CA ASN B 205 4.33 -10.94 -5.51
C ASN B 205 4.18 -9.66 -4.69
N GLU B 206 3.27 -9.70 -3.72
CA GLU B 206 2.99 -8.53 -2.88
C GLU B 206 4.24 -8.04 -2.13
N THR B 207 5.07 -8.97 -1.70
CA THR B 207 6.28 -8.64 -0.95
C THR B 207 7.21 -7.74 -1.76
N LYS B 208 7.51 -8.15 -3.00
CA LYS B 208 8.40 -7.39 -3.86
C LYS B 208 7.67 -6.41 -4.78
N SER B 209 6.35 -6.49 -4.80
CA SER B 209 5.55 -5.63 -5.66
C SER B 209 5.98 -5.81 -7.11
N ALA B 210 6.24 -7.06 -7.48
CA ALA B 210 6.64 -7.39 -8.83
C ALA B 210 6.16 -8.79 -9.15
N TYR B 211 6.43 -9.26 -10.36
CA TYR B 211 5.98 -10.58 -10.80
C TYR B 211 7.04 -11.64 -10.86
N THR B 212 6.60 -12.89 -10.73
CA THR B 212 7.49 -14.03 -10.88
C THR B 212 6.81 -14.79 -12.01
N LEU B 213 7.58 -15.58 -12.75
CA LEU B 213 7.03 -16.37 -13.83
C LEU B 213 7.47 -17.79 -13.60
N LYS B 214 6.50 -18.67 -13.37
CA LYS B 214 6.79 -20.08 -13.06
C LYS B 214 6.60 -21.03 -14.23
N CYS B 215 7.66 -21.74 -14.58
CA CYS B 215 7.62 -22.71 -15.68
C CYS B 215 6.77 -23.91 -15.26
N GLN B 216 5.80 -24.25 -16.09
CA GLN B 216 4.90 -25.36 -15.79
C GLN B 216 5.59 -26.72 -15.72
N GLU B 217 6.69 -26.89 -16.44
CA GLU B 217 7.35 -28.20 -16.41
C GLU B 217 7.98 -28.59 -15.08
N ASN B 218 8.62 -27.63 -14.40
CA ASN B 218 9.29 -27.93 -13.15
C ASN B 218 8.94 -27.04 -11.97
N ASN B 219 7.94 -26.18 -12.14
CA ASN B 219 7.52 -25.28 -11.07
C ASN B 219 8.64 -24.39 -10.55
N ARG B 220 9.61 -24.10 -11.40
CA ARG B 220 10.72 -23.23 -11.03
C ARG B 220 10.53 -21.92 -11.77
N TYR B 221 11.14 -20.84 -11.27
CA TYR B 221 10.93 -19.50 -11.81
C TYR B 221 11.99 -18.87 -12.71
N LEU B 222 11.52 -18.02 -13.63
CA LEU B 222 12.38 -17.28 -14.55
C LEU B 222 13.30 -16.43 -13.68
N THR B 223 14.60 -16.71 -13.72
CA THR B 223 15.56 -16.01 -12.89
C THR B 223 16.82 -15.60 -13.63
N TRP B 224 17.33 -14.42 -13.31
CA TRP B 224 18.56 -13.92 -13.91
C TRP B 224 19.75 -14.52 -13.17
N ILE B 225 20.55 -15.30 -13.89
CA ILE B 225 21.74 -15.92 -13.31
C ILE B 225 22.89 -14.98 -13.64
N GLN B 226 23.37 -14.25 -12.64
CA GLN B 226 24.43 -13.28 -12.83
C GLN B 226 25.86 -13.83 -13.00
N ASN B 227 26.33 -13.73 -14.24
CA ASN B 227 27.67 -14.13 -14.62
C ASN B 227 27.88 -13.58 -16.02
N SER B 228 29.06 -13.77 -16.60
CA SER B 228 29.35 -13.25 -17.93
C SER B 228 28.29 -13.55 -18.99
N ASN B 229 27.65 -14.71 -18.87
CA ASN B 229 26.62 -15.11 -19.84
C ASN B 229 25.29 -14.38 -19.63
N ASN B 230 24.99 -14.05 -18.38
CA ASN B 230 23.76 -13.35 -18.05
C ASN B 230 22.50 -14.03 -18.57
N TYR B 231 22.53 -15.36 -18.60
CA TYR B 231 21.37 -16.13 -19.07
C TYR B 231 20.28 -16.11 -18.01
N VAL B 232 19.05 -16.37 -18.44
CA VAL B 232 17.94 -16.51 -17.50
C VAL B 232 17.75 -18.01 -17.45
N GLU B 233 17.42 -18.53 -16.27
CA GLU B 233 17.20 -19.96 -16.08
C GLU B 233 16.04 -20.14 -15.13
N THR B 234 15.48 -21.34 -15.08
CA THR B 234 14.41 -21.60 -14.12
C THR B 234 15.18 -21.90 -12.84
N TYR B 235 14.81 -21.24 -11.76
CA TYR B 235 15.51 -21.40 -10.49
C TYR B 235 14.55 -21.60 -9.33
N GLN B 236 15.05 -22.18 -8.24
CA GLN B 236 14.24 -22.41 -7.05
C GLN B 236 13.69 -21.08 -6.53
N SER B 237 12.63 -21.16 -5.74
CA SER B 237 12.03 -19.96 -5.17
C SER B 237 13.08 -19.25 -4.32
N THR B 238 13.16 -17.93 -4.45
CA THR B 238 14.12 -17.14 -3.69
C THR B 238 13.56 -15.74 -3.46
N ASP B 239 14.05 -15.09 -2.40
CA ASP B 239 13.61 -13.74 -2.08
C ASP B 239 14.53 -12.75 -2.80
N SER B 240 15.57 -13.28 -3.44
CA SER B 240 16.51 -12.46 -4.19
C SER B 240 15.81 -11.78 -5.36
N LEU B 241 16.10 -10.49 -5.54
CA LEU B 241 15.48 -9.70 -6.60
C LEU B 241 15.66 -10.23 -8.02
N ILE B 242 16.66 -11.08 -8.22
CA ILE B 242 16.93 -11.65 -9.55
C ILE B 242 15.78 -12.49 -10.11
N GLN B 243 14.83 -12.83 -9.25
CA GLN B 243 13.70 -13.65 -9.66
C GLN B 243 12.41 -12.85 -9.86
N TYR B 244 12.48 -11.54 -9.64
CA TYR B 244 11.30 -10.70 -9.79
C TYR B 244 11.36 -9.74 -10.97
N TRP B 245 10.21 -9.53 -11.61
CA TRP B 245 10.16 -8.70 -12.79
C TRP B 245 9.07 -7.65 -12.83
N ASN B 246 9.43 -6.46 -13.32
CA ASN B 246 8.47 -5.38 -13.49
C ASN B 246 8.00 -5.56 -14.93
N ILE B 247 6.79 -6.05 -15.11
CA ILE B 247 6.25 -6.27 -16.44
C ILE B 247 5.50 -4.99 -16.81
N ASN B 248 5.91 -4.33 -17.89
CA ASN B 248 5.23 -3.10 -18.29
C ASN B 248 5.12 -3.02 -19.80
N TYR B 249 4.27 -2.13 -20.28
CA TYR B 249 4.10 -1.96 -21.71
C TYR B 249 5.27 -1.16 -22.22
N LEU B 250 5.46 -1.16 -23.54
CA LEU B 250 6.52 -0.37 -24.14
C LEU B 250 6.19 1.09 -23.81
N ASP B 251 7.17 1.96 -23.96
CA ASP B 251 6.98 3.38 -23.66
C ASP B 251 5.73 3.98 -24.31
N ASN B 252 5.42 3.58 -25.53
CA ASN B 252 4.25 4.15 -26.22
C ASN B 252 3.46 3.13 -27.02
N ASP B 253 3.30 1.93 -26.48
CA ASP B 253 2.57 0.88 -27.17
C ASP B 253 2.14 -0.15 -26.13
N ALA B 254 0.83 -0.32 -25.96
CA ALA B 254 0.32 -1.28 -24.98
C ALA B 254 -0.01 -2.63 -25.59
N SER B 255 0.57 -2.94 -26.75
CA SER B 255 0.32 -4.24 -27.39
C SER B 255 1.44 -5.23 -27.09
N LYS B 256 2.54 -4.73 -26.54
CA LYS B 256 3.68 -5.58 -26.21
C LYS B 256 4.34 -5.12 -24.92
N TYR B 257 5.27 -5.92 -24.41
CA TYR B 257 5.91 -5.64 -23.13
C TYR B 257 7.43 -5.64 -23.02
N ILE B 258 7.89 -5.03 -21.93
CA ILE B 258 9.30 -4.99 -21.57
C ILE B 258 9.28 -5.59 -20.17
N LEU B 259 10.23 -6.48 -19.88
CA LEU B 259 10.30 -7.07 -18.55
C LEU B 259 11.61 -6.66 -17.88
N TYR B 260 11.50 -5.73 -16.94
CA TYR B 260 12.66 -5.21 -16.22
C TYR B 260 12.96 -6.09 -15.00
N ASN B 261 14.23 -6.44 -14.80
CA ASN B 261 14.57 -7.26 -13.65
C ASN B 261 14.80 -6.38 -12.42
N LEU B 262 14.22 -6.77 -11.29
CA LEU B 262 14.34 -5.98 -10.07
C LEU B 262 15.75 -5.84 -9.51
N GLN B 263 16.65 -6.78 -9.84
CA GLN B 263 18.03 -6.71 -9.35
C GLN B 263 18.73 -5.49 -9.95
N ASP B 264 18.27 -5.08 -11.13
CA ASP B 264 18.80 -3.92 -11.83
C ASP B 264 17.76 -3.55 -12.87
N THR B 265 16.87 -2.63 -12.52
CA THR B 265 15.78 -2.21 -13.40
C THR B 265 16.22 -1.53 -14.69
N ASN B 266 17.53 -1.40 -14.89
CA ASN B 266 18.06 -0.80 -16.11
C ASN B 266 18.31 -1.90 -17.13
N ARG B 267 18.11 -3.14 -16.69
CA ARG B 267 18.32 -4.31 -17.56
C ARG B 267 17.02 -5.10 -17.73
N VAL B 268 16.83 -5.67 -18.91
CA VAL B 268 15.60 -6.39 -19.21
C VAL B 268 15.77 -7.76 -19.87
N LEU B 269 14.66 -8.49 -19.97
CA LEU B 269 14.65 -9.80 -20.61
C LEU B 269 15.00 -9.49 -22.06
N ASP B 270 16.05 -10.13 -22.56
CA ASP B 270 16.60 -9.81 -23.86
C ASP B 270 16.99 -11.02 -24.72
N VAL B 271 16.70 -10.97 -26.02
CA VAL B 271 17.08 -12.07 -26.91
C VAL B 271 18.48 -11.77 -27.44
N TYR B 272 19.43 -12.66 -27.12
CA TYR B 272 20.82 -12.52 -27.51
C TYR B 272 21.05 -12.04 -28.95
N ASN B 273 21.59 -10.83 -29.07
CA ASN B 273 21.90 -10.22 -30.36
C ASN B 273 20.84 -10.36 -31.45
N SER B 274 19.57 -10.34 -31.03
CA SER B 274 18.45 -10.43 -31.96
C SER B 274 18.44 -11.69 -32.84
N GLN B 275 19.13 -12.74 -32.41
CA GLN B 275 19.15 -13.99 -33.17
C GLN B 275 17.79 -14.68 -32.98
N ILE B 276 17.33 -15.44 -33.97
CA ILE B 276 16.02 -16.08 -33.88
C ILE B 276 15.93 -17.60 -33.92
N ALA B 277 17.03 -18.28 -34.20
CA ALA B 277 17.00 -19.74 -34.29
C ALA B 277 16.61 -20.41 -32.98
N ASN B 278 16.01 -21.60 -33.07
CA ASN B 278 15.64 -22.34 -31.87
C ASN B 278 16.95 -22.49 -31.10
N GLY B 279 16.89 -22.34 -29.78
CA GLY B 279 18.10 -22.48 -28.99
C GLY B 279 18.78 -21.16 -28.66
N THR B 280 18.35 -20.07 -29.30
CA THR B 280 18.94 -18.76 -29.03
C THR B 280 18.77 -18.44 -27.55
N HIS B 281 19.84 -18.00 -26.91
CA HIS B 281 19.80 -17.68 -25.49
C HIS B 281 18.99 -16.43 -25.16
N VAL B 282 18.23 -16.50 -24.07
CA VAL B 282 17.49 -15.35 -23.59
C VAL B 282 18.34 -14.92 -22.40
N ILE B 283 18.60 -13.63 -22.31
CA ILE B 283 19.45 -13.10 -21.25
C ILE B 283 18.87 -11.85 -20.64
N VAL B 284 19.63 -11.22 -19.75
CA VAL B 284 19.23 -9.97 -19.13
C VAL B 284 20.34 -8.99 -19.49
N ASP B 285 19.98 -7.90 -20.17
CA ASP B 285 20.97 -6.92 -20.59
C ASP B 285 20.38 -5.51 -20.57
N SER B 286 21.25 -4.52 -20.71
CA SER B 286 20.85 -3.11 -20.69
C SER B 286 19.68 -2.78 -21.60
N TYR B 287 18.73 -2.02 -21.08
CA TYR B 287 17.55 -1.61 -21.83
C TYR B 287 17.86 -0.71 -23.02
N HIS B 288 17.23 -0.99 -24.14
CA HIS B 288 17.37 -0.17 -25.33
C HIS B 288 15.99 -0.06 -25.98
N GLY B 289 15.14 -1.03 -25.68
CA GLY B 289 13.79 -1.01 -26.21
C GLY B 289 13.58 -1.49 -27.63
N ASN B 290 14.60 -2.10 -28.22
CA ASN B 290 14.46 -2.60 -29.58
C ASN B 290 13.65 -3.89 -29.57
N THR B 291 13.38 -4.43 -30.76
CA THR B 291 12.55 -5.63 -30.89
C THR B 291 13.00 -6.86 -30.12
N ASN B 292 14.30 -6.99 -29.88
CA ASN B 292 14.80 -8.16 -29.15
C ASN B 292 14.51 -8.08 -27.65
N GLN B 293 13.94 -6.96 -27.21
CA GLN B 293 13.60 -6.79 -25.80
C GLN B 293 12.10 -6.62 -25.65
N GLN B 294 11.39 -6.74 -26.77
CA GLN B 294 9.94 -6.60 -26.80
C GLN B 294 9.29 -7.97 -26.76
N TRP B 295 8.32 -8.15 -25.86
CA TRP B 295 7.67 -9.45 -25.75
C TRP B 295 6.16 -9.37 -25.93
N ILE B 296 5.62 -10.41 -26.57
CA ILE B 296 4.19 -10.51 -26.80
C ILE B 296 3.70 -11.60 -25.87
N ILE B 297 2.81 -11.23 -24.97
CA ILE B 297 2.28 -12.16 -23.96
C ILE B 297 0.82 -12.51 -24.20
N ASN B 298 0.53 -13.80 -24.23
CA ASN B 298 -0.84 -14.27 -24.44
C ASN B 298 -1.23 -15.35 -23.45
N LEU B 299 -2.53 -15.42 -23.15
CA LEU B 299 -3.02 -16.42 -22.23
C LEU B 299 -3.08 -17.77 -22.95
N ILE B 300 -2.84 -18.84 -22.21
CA ILE B 300 -2.89 -20.17 -22.79
C ILE B 300 -4.36 -20.56 -22.89
C1 EDO C . 0.58 16.77 -3.42
O1 EDO C . 0.50 15.70 -4.50
C2 EDO C . 0.99 16.24 -2.03
O2 EDO C . 2.36 15.50 -2.18
C1 EDO D . -2.15 6.60 -1.19
O1 EDO D . -0.86 5.97 -0.66
C2 EDO D . -3.42 6.14 -0.46
O2 EDO D . -3.70 4.65 -0.87
C1 EDO E . 3.85 19.28 25.24
O1 EDO E . 3.59 17.86 24.71
C2 EDO E . 2.92 20.35 24.64
O2 EDO E . 1.45 19.84 24.75
C1 EDO F . -14.51 9.51 19.56
O1 EDO F . -15.97 9.59 20.00
C2 EDO F . -14.29 9.45 18.04
O2 EDO F . -14.83 8.07 17.54
C1 EDO G . -13.17 10.28 -0.47
O1 EDO G . -12.58 9.93 0.89
C2 EDO G . -12.78 9.30 -1.59
O2 EDO G . -13.10 7.85 -1.10
C1 EDO H . -13.95 2.11 -28.25
O1 EDO H . -12.81 2.06 -27.22
C2 EDO H . -14.78 3.39 -28.22
O2 EDO H . -13.82 4.61 -28.37
C1 EDO I . 12.83 -27.64 -26.79
O1 EDO I . 12.91 -29.03 -26.15
C2 EDO I . 12.99 -26.47 -25.81
O2 EDO I . 11.85 -26.59 -24.74
#